data_8PU3
#
_entry.id   8PU3
#
_cell.length_a   51.957
_cell.length_b   106.231
_cell.length_c   135.105
_cell.angle_alpha   90.000
_cell.angle_beta   90.000
_cell.angle_gamma   90.000
#
_symmetry.space_group_name_H-M   'P 21 21 21'
#
loop_
_entity.id
_entity.type
_entity.pdbx_description
1 polymer ATfaRel2
2 polymer FaRel2
3 water water
#
loop_
_entity_poly.entity_id
_entity_poly.type
_entity_poly.pdbx_seq_one_letter_code
_entity_poly.pdbx_strand_id
1 'polypeptide(L)' LYFQGAMCYIIAKRFKKSGCVALKAKRGKELADFATDLQKKLGYDIQIVAITRPTAYGEYEPYKFVNSFEEFSIEASRL A,B
2 'polypeptide(L)'
;MYILDKIGLNIEILESLSYESKLGMSFKRTLSHFNKEEVLKEIELINNWYFSLEIIDDLPLDSRIKSVSSAKMKFERYYP
NATYNRVFNDILGFRVICKSYDEVLELEKEDKIRVVDMSRGKSNDDGFRGIHVYYQRDNHHYPIEIQFNTYYDRQLNDWL
HDKFYKRGYDSSCGQLLRKYYENGKIKSAEELEEVLEDVLYHCKKI
;
C,D
#
# COMPACT_ATOMS: atom_id res chain seq x y z
N ALA A 6 -17.01 -0.90 -1.53
CA ALA A 6 -15.74 -1.59 -1.35
C ALA A 6 -15.83 -3.08 -1.64
N MET A 7 -14.80 -3.57 -2.34
CA MET A 7 -14.71 -4.95 -2.79
C MET A 7 -13.42 -5.62 -2.29
N CYS A 8 -13.41 -6.93 -2.28
CA CYS A 8 -12.24 -7.70 -1.89
C CYS A 8 -11.88 -8.66 -3.05
N TYR A 9 -10.85 -9.49 -2.87
CA TYR A 9 -10.52 -10.50 -3.86
C TYR A 9 -10.54 -11.89 -3.24
N ILE A 10 -11.40 -12.77 -3.77
CA ILE A 10 -11.38 -14.17 -3.35
C ILE A 10 -10.29 -14.84 -4.21
N ILE A 11 -9.38 -15.53 -3.55
CA ILE A 11 -8.21 -16.17 -4.15
C ILE A 11 -8.27 -17.67 -3.92
N ALA A 12 -7.89 -18.46 -4.92
CA ALA A 12 -7.79 -19.92 -4.82
C ALA A 12 -6.36 -20.28 -5.23
N LYS A 13 -5.65 -21.08 -4.41
CA LYS A 13 -4.27 -21.43 -4.71
C LYS A 13 -3.93 -22.82 -4.21
N ARG A 14 -3.16 -23.62 -4.98
CA ARG A 14 -2.68 -24.92 -4.47
C ARG A 14 -1.42 -24.60 -3.65
N PHE A 15 -1.29 -25.17 -2.45
CA PHE A 15 -0.19 -24.90 -1.51
C PHE A 15 1.24 -24.92 -2.07
N LYS A 16 1.68 -26.03 -2.69
CA LYS A 16 3.06 -26.10 -3.19
C LYS A 16 3.25 -25.59 -4.62
N LYS A 17 2.24 -24.91 -5.20
CA LYS A 17 2.34 -24.44 -6.57
C LYS A 17 2.00 -22.97 -6.67
N SER A 18 2.89 -22.20 -7.33
CA SER A 18 2.77 -20.77 -7.48
C SER A 18 1.63 -20.33 -8.40
N GLY A 19 1.09 -19.16 -8.12
CA GLY A 19 -0.01 -18.62 -8.90
C GLY A 19 -1.36 -18.87 -8.27
N CYS A 20 -2.37 -18.12 -8.68
CA CYS A 20 -3.71 -18.23 -8.11
C CYS A 20 -4.80 -17.85 -9.09
N VAL A 21 -6.05 -18.16 -8.74
CA VAL A 21 -7.25 -17.74 -9.45
C VAL A 21 -7.81 -16.64 -8.54
N ALA A 22 -8.10 -15.46 -9.09
CA ALA A 22 -8.58 -14.34 -8.31
C ALA A 22 -9.87 -13.77 -8.85
N LEU A 23 -10.80 -13.38 -7.98
CA LEU A 23 -12.07 -12.82 -8.38
C LEU A 23 -12.46 -11.65 -7.48
N LYS A 24 -12.74 -10.48 -8.07
CA LYS A 24 -13.20 -9.30 -7.34
C LYS A 24 -14.63 -9.58 -6.88
N ALA A 25 -14.87 -9.53 -5.57
CA ALA A 25 -16.19 -9.86 -5.04
C ALA A 25 -16.58 -8.93 -3.88
N LYS A 26 -17.87 -8.87 -3.54
CA LYS A 26 -18.36 -8.05 -2.44
C LYS A 26 -18.45 -8.94 -1.19
N ARG A 27 -17.88 -8.48 -0.05
CA ARG A 27 -17.93 -9.24 1.19
C ARG A 27 -19.33 -9.31 1.75
N GLY A 28 -19.74 -10.50 2.16
CA GLY A 28 -21.07 -10.72 2.73
C GLY A 28 -21.46 -12.18 2.79
N LYS A 29 -22.71 -12.45 3.16
CA LYS A 29 -23.22 -13.83 3.27
C LYS A 29 -23.08 -14.64 1.97
N GLU A 30 -23.44 -14.06 0.83
CA GLU A 30 -23.37 -14.72 -0.47
C GLU A 30 -21.93 -15.12 -0.84
N LEU A 31 -20.93 -14.26 -0.58
CA LEU A 31 -19.54 -14.61 -0.87
C LEU A 31 -18.98 -15.60 0.19
N ALA A 32 -19.27 -15.34 1.49
CA ALA A 32 -18.83 -16.17 2.60
C ALA A 32 -19.31 -17.63 2.43
N ASP A 33 -20.60 -17.84 2.14
CA ASP A 33 -21.13 -19.19 1.97
C ASP A 33 -20.63 -19.84 0.68
N PHE A 34 -20.35 -19.04 -0.37
CA PHE A 34 -19.81 -19.56 -1.62
C PHE A 34 -18.41 -20.12 -1.35
N ALA A 35 -17.58 -19.37 -0.61
CA ALA A 35 -16.23 -19.76 -0.29
C ALA A 35 -16.18 -20.97 0.63
N THR A 36 -17.06 -21.02 1.64
CA THR A 36 -17.10 -22.14 2.58
C THR A 36 -17.46 -23.45 1.83
N ASP A 37 -18.41 -23.36 0.90
CA ASP A 37 -18.82 -24.52 0.13
C ASP A 37 -17.75 -24.95 -0.87
N LEU A 38 -17.11 -23.98 -1.54
CA LEU A 38 -16.05 -24.29 -2.51
C LEU A 38 -14.82 -24.92 -1.84
N GLN A 39 -14.48 -24.49 -0.62
CA GLN A 39 -13.35 -25.07 0.11
C GLN A 39 -13.60 -26.57 0.40
N LYS A 40 -14.86 -26.95 0.68
CA LYS A 40 -15.20 -28.33 0.95
C LYS A 40 -15.11 -29.17 -0.34
N LYS A 41 -15.58 -28.62 -1.46
CA LYS A 41 -15.55 -29.32 -2.74
C LYS A 41 -14.15 -29.47 -3.29
N LEU A 42 -13.25 -28.51 -3.03
CA LEU A 42 -11.89 -28.57 -3.56
C LEU A 42 -10.91 -29.34 -2.69
N GLY A 43 -11.17 -29.45 -1.40
CA GLY A 43 -10.29 -30.17 -0.50
C GLY A 43 -9.27 -29.29 0.21
N TYR A 44 -8.50 -29.88 1.13
CA TYR A 44 -7.55 -29.14 1.94
C TYR A 44 -6.16 -29.00 1.34
N ASP A 45 -5.99 -29.31 0.03
CA ASP A 45 -4.73 -29.07 -0.69
C ASP A 45 -4.77 -27.66 -1.38
N ILE A 46 -5.98 -27.09 -1.53
CA ILE A 46 -6.25 -25.79 -2.11
C ILE A 46 -6.63 -24.85 -0.98
N GLN A 47 -6.09 -23.64 -1.01
CA GLN A 47 -6.43 -22.64 -0.01
C GLN A 47 -7.36 -21.61 -0.64
N ILE A 48 -8.46 -21.29 0.04
CA ILE A 48 -9.40 -20.27 -0.43
C ILE A 48 -9.22 -19.11 0.54
N VAL A 49 -8.64 -17.98 0.07
CA VAL A 49 -8.37 -16.86 0.98
C VAL A 49 -9.03 -15.57 0.46
N ALA A 50 -9.25 -14.60 1.35
CA ALA A 50 -9.80 -13.30 0.94
C ALA A 50 -8.71 -12.27 1.21
N ILE A 51 -8.37 -11.43 0.21
CA ILE A 51 -7.38 -10.37 0.35
C ILE A 51 -8.02 -9.03 -0.02
N THR A 52 -7.44 -7.91 0.40
CA THR A 52 -7.99 -6.60 0.05
C THR A 52 -7.55 -6.19 -1.36
N ARG A 53 -6.25 -6.35 -1.64
CA ARG A 53 -5.74 -5.99 -2.97
C ARG A 53 -4.55 -6.82 -3.40
N PRO A 54 -4.60 -7.32 -4.66
CA PRO A 54 -3.49 -8.12 -5.20
C PRO A 54 -2.09 -7.49 -5.15
N THR A 55 -1.97 -6.14 -5.28
CA THR A 55 -0.64 -5.51 -5.23
C THR A 55 0.04 -5.64 -3.83
N ALA A 56 -0.74 -5.95 -2.78
CA ALA A 56 -0.24 -6.09 -1.42
C ALA A 56 0.16 -7.54 -1.08
N TYR A 57 -0.28 -8.51 -1.90
CA TYR A 57 -0.02 -9.93 -1.72
C TYR A 57 0.76 -10.52 -2.89
N GLY A 58 2.07 -10.31 -2.84
CA GLY A 58 2.97 -10.80 -3.86
C GLY A 58 3.18 -12.30 -3.83
N GLU A 59 2.83 -12.97 -2.71
CA GLU A 59 2.98 -14.42 -2.60
C GLU A 59 1.99 -15.21 -3.45
N TYR A 60 0.96 -14.56 -4.02
CA TYR A 60 0.00 -15.26 -4.88
C TYR A 60 0.25 -15.03 -6.38
N GLU A 61 1.32 -14.31 -6.75
CA GLU A 61 1.71 -14.03 -8.12
C GLU A 61 2.15 -15.29 -8.87
N PRO A 62 1.74 -15.47 -10.14
CA PRO A 62 0.87 -14.60 -10.94
C PRO A 62 -0.63 -14.78 -10.72
N TYR A 63 -1.38 -13.68 -10.80
CA TYR A 63 -2.82 -13.72 -10.60
C TYR A 63 -3.55 -14.05 -11.90
N LYS A 64 -4.50 -14.98 -11.85
CA LYS A 64 -5.33 -15.29 -13.01
C LYS A 64 -6.71 -14.76 -12.67
N PHE A 65 -7.01 -13.56 -13.13
CA PHE A 65 -8.29 -12.94 -12.84
C PHE A 65 -9.43 -13.53 -13.65
N VAL A 66 -10.52 -13.86 -12.97
CA VAL A 66 -11.75 -14.37 -13.58
C VAL A 66 -12.87 -13.31 -13.38
N ASN A 67 -13.98 -13.42 -14.14
CA ASN A 67 -15.02 -12.40 -14.10
C ASN A 67 -16.35 -12.85 -13.51
N SER A 68 -16.47 -14.12 -13.09
CA SER A 68 -17.72 -14.60 -12.50
C SER A 68 -17.48 -15.65 -11.43
N PHE A 69 -18.49 -15.93 -10.60
CA PHE A 69 -18.37 -16.95 -9.56
C PHE A 69 -18.21 -18.33 -10.18
N GLU A 70 -18.89 -18.58 -11.33
CA GLU A 70 -18.84 -19.88 -12.03
C GLU A 70 -17.46 -20.09 -12.64
N GLU A 71 -16.88 -19.03 -13.22
CA GLU A 71 -15.56 -19.07 -13.84
C GLU A 71 -14.50 -19.33 -12.78
N PHE A 72 -14.69 -18.78 -11.56
CA PHE A 72 -13.79 -18.96 -10.42
C PHE A 72 -13.82 -20.41 -9.94
N SER A 73 -15.01 -21.04 -9.94
CA SER A 73 -15.21 -22.43 -9.52
C SER A 73 -14.52 -23.42 -10.47
N ILE A 74 -14.69 -23.22 -11.77
CA ILE A 74 -14.11 -24.07 -12.79
C ILE A 74 -12.57 -23.96 -12.78
N GLU A 75 -12.04 -22.72 -12.72
CA GLU A 75 -10.60 -22.50 -12.72
C GLU A 75 -9.91 -22.93 -11.44
N ALA A 76 -10.60 -22.79 -10.29
CA ALA A 76 -10.03 -23.22 -9.03
C ALA A 76 -9.96 -24.76 -8.97
N SER A 77 -10.90 -25.45 -9.59
CA SER A 77 -10.88 -26.91 -9.64
C SER A 77 -9.77 -27.48 -10.55
N ARG A 78 -9.18 -26.64 -11.40
CA ARG A 78 -8.09 -27.05 -12.28
C ARG A 78 -6.70 -26.85 -11.64
N LEU A 79 -6.61 -26.21 -10.45
CA LEU A 79 -5.34 -26.01 -9.75
C LEU A 79 -4.76 -27.36 -9.29
N LEU B 1 -20.02 2.95 15.33
CA LEU B 1 -19.87 4.35 14.91
C LEU B 1 -18.61 4.56 14.08
N TYR B 2 -17.53 3.80 14.39
CA TYR B 2 -16.23 3.86 13.70
C TYR B 2 -16.25 3.34 12.24
N PHE B 3 -17.37 2.73 11.81
CA PHE B 3 -17.58 2.14 10.49
C PHE B 3 -18.57 3.00 9.68
N GLN B 4 -18.06 3.98 8.94
CA GLN B 4 -18.90 4.87 8.16
C GLN B 4 -18.72 4.65 6.63
N GLY B 5 -18.49 3.40 6.24
CA GLY B 5 -18.17 3.06 4.85
C GLY B 5 -16.78 3.57 4.47
N ALA B 6 -16.44 3.63 3.17
CA ALA B 6 -15.10 4.07 2.77
C ALA B 6 -14.84 5.54 3.05
N MET B 7 -13.66 5.82 3.60
CA MET B 7 -13.26 7.15 4.01
C MET B 7 -11.95 7.54 3.36
N CYS B 8 -11.69 8.84 3.31
CA CYS B 8 -10.43 9.36 2.80
C CYS B 8 -9.79 10.23 3.90
N TYR B 9 -8.64 10.85 3.61
CA TYR B 9 -8.03 11.78 4.55
C TYR B 9 -7.82 13.14 3.89
N ILE B 10 -8.46 14.17 4.47
CA ILE B 10 -8.21 15.54 4.01
C ILE B 10 -6.94 16.00 4.74
N ILE B 11 -5.97 16.47 3.99
CA ILE B 11 -4.65 16.87 4.47
C ILE B 11 -4.44 18.36 4.21
N ALA B 12 -3.85 19.08 5.16
CA ALA B 12 -3.48 20.49 5.01
C ALA B 12 -1.97 20.57 5.30
N LYS B 13 -1.20 21.19 4.39
CA LYS B 13 0.24 21.28 4.57
C LYS B 13 0.80 22.56 3.99
N ARG B 14 1.77 23.21 4.67
CA ARG B 14 2.44 24.38 4.09
C ARG B 14 3.53 23.81 3.17
N PHE B 15 3.68 24.34 1.95
CA PHE B 15 4.61 23.84 0.94
C PHE B 15 6.06 23.59 1.40
N LYS B 16 6.75 24.60 1.96
CA LYS B 16 8.14 24.41 2.35
C LYS B 16 8.33 23.94 3.81
N LYS B 17 7.25 23.50 4.46
CA LYS B 17 7.32 23.04 5.86
C LYS B 17 6.84 21.59 6.00
N SER B 18 7.59 20.75 6.72
CA SER B 18 7.24 19.34 6.88
C SER B 18 6.12 19.09 7.88
N GLY B 19 5.34 18.04 7.62
CA GLY B 19 4.22 17.72 8.49
C GLY B 19 2.90 18.22 7.95
N CYS B 20 1.80 17.68 8.46
CA CYS B 20 0.47 18.05 7.99
C CYS B 20 -0.58 17.90 9.08
N VAL B 21 -1.76 18.45 8.81
CA VAL B 21 -2.95 18.29 9.64
C VAL B 21 -3.80 17.32 8.82
N ALA B 22 -4.27 16.23 9.42
CA ALA B 22 -5.01 15.22 8.69
C ALA B 22 -6.34 14.92 9.37
N LEU B 23 -7.39 14.73 8.58
CA LEU B 23 -8.71 14.42 9.11
C LEU B 23 -9.38 13.33 8.29
N LYS B 24 -9.81 12.25 8.94
CA LYS B 24 -10.53 11.16 8.29
C LYS B 24 -11.93 11.71 7.94
N ALA B 25 -12.29 11.70 6.66
CA ALA B 25 -13.57 12.28 6.24
C ALA B 25 -14.23 11.44 5.14
N LYS B 26 -15.54 11.63 4.93
CA LYS B 26 -16.27 10.91 3.91
C LYS B 26 -16.30 11.76 2.63
N ARG B 27 -15.95 11.18 1.47
CA ARG B 27 -15.94 11.91 0.22
C ARG B 27 -17.37 12.24 -0.22
N GLY B 28 -17.58 13.47 -0.66
CA GLY B 28 -18.90 13.93 -1.11
C GLY B 28 -19.01 15.44 -1.14
N LYS B 29 -20.21 15.95 -1.41
CA LYS B 29 -20.44 17.39 -1.52
C LYS B 29 -20.03 18.18 -0.28
N GLU B 30 -20.40 17.71 0.91
CA GLU B 30 -20.08 18.35 2.18
C GLU B 30 -18.56 18.50 2.41
N LEU B 31 -17.78 17.45 2.10
CA LEU B 31 -16.32 17.52 2.23
C LEU B 31 -15.69 18.38 1.10
N ALA B 32 -16.15 18.17 -0.16
CA ALA B 32 -15.66 18.89 -1.33
C ALA B 32 -15.84 20.41 -1.17
N ASP B 33 -17.03 20.88 -0.76
CA ASP B 33 -17.28 22.30 -0.57
C ASP B 33 -16.54 22.86 0.63
N PHE B 34 -16.31 22.03 1.68
CA PHE B 34 -15.56 22.44 2.86
C PHE B 34 -14.12 22.74 2.45
N ALA B 35 -13.53 21.82 1.65
CA ALA B 35 -12.15 21.93 1.20
C ALA B 35 -11.96 23.09 0.25
N THR B 36 -12.91 23.31 -0.68
CA THR B 36 -12.84 24.41 -1.63
C THR B 36 -12.85 25.76 -0.89
N ASP B 37 -13.71 25.88 0.13
CA ASP B 37 -13.81 27.10 0.91
C ASP B 37 -12.57 27.32 1.79
N LEU B 38 -12.07 26.26 2.41
CA LEU B 38 -10.89 26.36 3.27
C LEU B 38 -9.63 26.72 2.49
N GLN B 39 -9.50 26.22 1.25
CA GLN B 39 -8.35 26.55 0.41
C GLN B 39 -8.32 28.05 0.09
N LYS B 40 -9.50 28.67 -0.09
CA LYS B 40 -9.59 30.10 -0.37
C LYS B 40 -9.21 30.91 0.86
N LYS B 41 -9.69 30.49 2.05
CA LYS B 41 -9.41 31.19 3.30
C LYS B 41 -7.95 31.07 3.74
N LEU B 42 -7.30 29.94 3.42
CA LEU B 42 -5.91 29.75 3.83
C LEU B 42 -4.87 30.30 2.86
N GLY B 43 -5.23 30.43 1.59
CA GLY B 43 -4.30 30.96 0.60
C GLY B 43 -3.55 29.90 -0.17
N TYR B 44 -2.77 30.31 -1.17
CA TYR B 44 -2.07 29.34 -2.02
C TYR B 44 -0.66 28.98 -1.55
N ASP B 45 -0.33 29.27 -0.28
CA ASP B 45 0.91 28.81 0.37
C ASP B 45 0.67 27.45 1.09
N ILE B 46 -0.61 27.12 1.38
CA ILE B 46 -1.08 25.91 2.01
C ILE B 46 -1.73 25.04 0.94
N GLN B 47 -1.43 23.76 0.96
CA GLN B 47 -2.04 22.83 0.03
C GLN B 47 -3.09 22.01 0.78
N ILE B 48 -4.29 21.89 0.20
CA ILE B 48 -5.36 21.07 0.77
C ILE B 48 -5.47 19.90 -0.19
N VAL B 49 -5.09 18.68 0.25
CA VAL B 49 -5.11 17.52 -0.64
C VAL B 49 -5.96 16.39 -0.04
N ALA B 50 -6.45 15.46 -0.87
CA ALA B 50 -7.20 14.31 -0.38
C ALA B 50 -6.38 13.08 -0.72
N ILE B 51 -6.11 12.21 0.26
CA ILE B 51 -5.34 10.96 0.08
C ILE B 51 -6.20 9.79 0.57
N THR B 52 -5.90 8.57 0.12
CA THR B 52 -6.65 7.40 0.53
C THR B 52 -6.17 6.91 1.90
N ARG B 53 -4.84 6.83 2.09
CA ARG B 53 -4.29 6.39 3.37
C ARG B 53 -2.94 6.98 3.68
N PRO B 54 -2.78 7.48 4.93
CA PRO B 54 -1.50 8.06 5.34
C PRO B 54 -0.26 7.17 5.19
N THR B 55 -0.36 5.83 5.33
CA THR B 55 0.81 4.97 5.17
C THR B 55 1.34 4.93 3.72
N ALA B 56 0.54 5.38 2.76
CA ALA B 56 0.93 5.41 1.35
C ALA B 56 1.58 6.77 0.95
N TYR B 57 1.43 7.82 1.79
CA TYR B 57 1.94 9.14 1.55
C TYR B 57 2.91 9.57 2.63
N GLY B 58 4.14 9.08 2.51
CA GLY B 58 5.21 9.39 3.44
C GLY B 58 5.72 10.81 3.36
N GLU B 59 5.43 11.53 2.25
CA GLU B 59 5.86 12.93 2.08
C GLU B 59 5.11 13.92 2.99
N TYR B 60 4.01 13.49 3.65
CA TYR B 60 3.27 14.38 4.56
C TYR B 60 3.60 14.13 6.03
N GLU B 61 4.54 13.22 6.34
CA GLU B 61 4.96 12.87 7.69
C GLU B 61 5.70 14.03 8.37
N PRO B 62 5.43 14.30 9.67
CA PRO B 62 4.48 13.62 10.55
C PRO B 62 3.03 14.08 10.43
N TYR B 63 2.09 13.16 10.61
CA TYR B 63 0.67 13.47 10.52
C TYR B 63 0.14 13.95 11.87
N LYS B 64 -0.61 15.06 11.88
CA LYS B 64 -1.26 15.53 13.11
C LYS B 64 -2.73 15.29 12.88
N PHE B 65 -3.24 14.17 13.40
CA PHE B 65 -4.63 13.82 13.23
C PHE B 65 -5.56 14.63 14.12
N VAL B 66 -6.60 15.20 13.53
CA VAL B 66 -7.65 15.93 14.23
C VAL B 66 -8.97 15.11 14.15
N ASN B 67 -9.95 15.44 15.00
CA ASN B 67 -11.17 14.65 15.09
C ASN B 67 -12.45 15.35 14.62
N SER B 68 -12.35 16.60 14.15
CA SER B 68 -13.53 17.32 13.66
C SER B 68 -13.18 18.29 12.54
N PHE B 69 -14.19 18.75 11.79
CA PHE B 69 -13.96 19.72 10.71
C PHE B 69 -13.48 21.06 11.28
N GLU B 70 -14.00 21.45 12.47
CA GLU B 70 -13.64 22.71 13.12
C GLU B 70 -12.20 22.66 13.62
N GLU B 71 -11.79 21.52 14.19
CA GLU B 71 -10.43 21.30 14.69
C GLU B 71 -9.44 21.33 13.53
N PHE B 72 -9.84 20.82 12.34
CA PHE B 72 -9.02 20.81 11.12
C PHE B 72 -8.81 22.23 10.62
N SER B 73 -9.84 23.08 10.70
CA SER B 73 -9.80 24.47 10.25
C SER B 73 -8.85 25.31 11.10
N ILE B 74 -8.94 25.18 12.43
CA ILE B 74 -8.10 25.90 13.37
C ILE B 74 -6.64 25.49 13.24
N GLU B 75 -6.38 24.18 13.19
CA GLU B 75 -5.01 23.65 13.06
C GLU B 75 -4.37 23.92 11.71
N ALA B 76 -5.16 23.90 10.63
CA ALA B 76 -4.64 24.20 9.30
C ALA B 76 -4.26 25.69 9.20
N SER B 77 -5.00 26.58 9.87
CA SER B 77 -4.69 28.00 9.87
C SER B 77 -3.41 28.35 10.67
N ARG B 78 -2.92 27.41 11.50
CA ARG B 78 -1.70 27.60 12.27
C ARG B 78 -0.44 27.12 11.52
N LEU B 79 -0.58 26.48 10.35
CA LEU B 79 0.56 26.02 9.54
C LEU B 79 1.34 27.23 8.99
N MET C 1 -0.68 4.19 19.75
CA MET C 1 -1.47 5.38 19.43
C MET C 1 -1.17 5.90 18.02
N TYR C 2 0.01 6.49 17.76
CA TYR C 2 0.33 7.06 16.45
C TYR C 2 0.24 6.08 15.29
N ILE C 3 0.87 4.89 15.42
CA ILE C 3 0.84 3.91 14.34
C ILE C 3 -0.58 3.40 14.09
N LEU C 4 -1.41 3.33 15.15
CA LEU C 4 -2.78 2.89 14.99
C LEU C 4 -3.61 3.93 14.28
N ASP C 5 -3.39 5.22 14.58
CA ASP C 5 -4.12 6.29 13.89
C ASP C 5 -3.75 6.30 12.40
N LYS C 6 -2.46 6.08 12.07
CA LYS C 6 -1.99 6.05 10.68
C LYS C 6 -2.69 4.95 9.85
N ILE C 7 -2.92 3.78 10.47
CA ILE C 7 -3.53 2.65 9.79
C ILE C 7 -5.05 2.51 10.01
N GLY C 8 -5.66 3.49 10.66
CA GLY C 8 -7.10 3.51 10.88
C GLY C 8 -7.64 2.48 11.85
N LEU C 9 -6.83 2.07 12.84
CA LEU C 9 -7.27 1.12 13.84
C LEU C 9 -7.25 1.74 15.23
N ASN C 10 -7.98 1.13 16.14
CA ASN C 10 -7.98 1.47 17.55
C ASN C 10 -8.38 0.21 18.33
N ILE C 11 -8.32 0.23 19.67
CA ILE C 11 -8.65 -0.95 20.49
C ILE C 11 -10.09 -1.34 20.35
N GLU C 12 -11.00 -0.39 20.17
CA GLU C 12 -12.43 -0.68 20.02
C GLU C 12 -12.71 -1.45 18.73
N ILE C 13 -12.05 -1.07 17.61
CA ILE C 13 -12.18 -1.72 16.31
C ILE C 13 -11.60 -3.14 16.39
N LEU C 14 -10.43 -3.29 16.99
CA LEU C 14 -9.81 -4.60 17.17
C LEU C 14 -10.67 -5.51 18.04
N GLU C 15 -11.35 -4.94 19.06
CA GLU C 15 -12.28 -5.70 19.93
C GLU C 15 -13.46 -6.20 19.12
N SER C 16 -14.02 -5.35 18.22
CA SER C 16 -15.17 -5.74 17.41
C SER C 16 -14.82 -6.76 16.33
N LEU C 17 -13.56 -6.80 15.88
CA LEU C 17 -13.11 -7.78 14.90
C LEU C 17 -12.63 -9.09 15.58
N SER C 18 -12.70 -9.20 16.92
CA SER C 18 -12.25 -10.39 17.64
C SER C 18 -13.35 -11.45 17.69
N TYR C 19 -13.03 -12.67 17.29
CA TYR C 19 -13.97 -13.77 17.29
C TYR C 19 -13.88 -14.54 18.62
N GLU C 20 -15.02 -14.68 19.30
CA GLU C 20 -15.09 -15.41 20.56
C GLU C 20 -15.28 -16.90 20.35
N SER C 21 -14.32 -17.68 20.84
CA SER C 21 -14.36 -19.13 20.74
C SER C 21 -15.47 -19.74 21.57
N LYS C 22 -16.07 -20.81 21.04
CA LYS C 22 -17.10 -21.59 21.72
C LYS C 22 -16.61 -23.02 21.97
N LEU C 23 -15.31 -23.24 22.11
CA LEU C 23 -14.75 -24.54 22.42
C LEU C 23 -14.72 -24.81 23.94
N GLY C 24 -14.98 -23.80 24.78
CA GLY C 24 -14.93 -23.96 26.23
C GLY C 24 -13.52 -24.25 26.73
N MET C 25 -12.51 -23.71 26.04
CA MET C 25 -11.13 -24.00 26.35
C MET C 25 -10.29 -22.75 26.41
N SER C 26 -9.23 -22.77 27.24
CA SER C 26 -8.31 -21.64 27.31
C SER C 26 -7.30 -21.76 26.18
N PHE C 27 -7.04 -20.65 25.50
CA PHE C 27 -6.07 -20.62 24.42
C PHE C 27 -4.61 -20.60 24.93
N LYS C 28 -4.41 -20.55 26.25
CA LYS C 28 -3.09 -20.67 26.87
C LYS C 28 -2.62 -22.16 26.85
N ARG C 29 -3.53 -23.13 26.62
CA ARG C 29 -3.23 -24.56 26.60
C ARG C 29 -2.70 -25.07 25.26
N THR C 30 -1.91 -26.17 25.31
CA THR C 30 -1.26 -26.82 24.17
C THR C 30 -2.29 -27.53 23.28
N LEU C 31 -1.92 -27.83 22.02
CA LEU C 31 -2.87 -28.48 21.10
C LEU C 31 -3.38 -29.84 21.53
N SER C 32 -2.64 -30.55 22.41
CA SER C 32 -3.06 -31.89 22.88
C SER C 32 -4.37 -31.88 23.65
N HIS C 33 -4.73 -30.76 24.26
CA HIS C 33 -5.98 -30.66 25.00
C HIS C 33 -7.19 -30.33 24.12
N PHE C 34 -7.01 -30.19 22.80
CA PHE C 34 -8.04 -29.82 21.83
C PHE C 34 -8.37 -30.95 20.87
N ASN C 35 -9.63 -30.97 20.41
CA ASN C 35 -10.12 -31.93 19.43
C ASN C 35 -9.93 -31.30 18.04
N LYS C 36 -9.08 -31.89 17.15
CA LYS C 36 -8.80 -31.40 15.79
C LYS C 36 -10.06 -31.09 14.98
N GLU C 37 -11.03 -31.99 14.96
CA GLU C 37 -12.27 -31.85 14.22
C GLU C 37 -13.12 -30.70 14.73
N GLU C 38 -13.15 -30.49 16.07
CA GLU C 38 -13.88 -29.37 16.67
C GLU C 38 -13.18 -28.04 16.39
N VAL C 39 -11.84 -28.03 16.40
CA VAL C 39 -11.05 -26.85 16.12
C VAL C 39 -11.29 -26.40 14.68
N LEU C 40 -11.16 -27.33 13.72
CA LEU C 40 -11.37 -27.08 12.30
C LEU C 40 -12.78 -26.64 11.95
N LYS C 41 -13.77 -27.11 12.69
CA LYS C 41 -15.15 -26.71 12.49
C LYS C 41 -15.32 -25.23 12.90
N GLU C 42 -14.65 -24.82 14.01
CA GLU C 42 -14.69 -23.45 14.49
C GLU C 42 -13.94 -22.51 13.54
N ILE C 43 -12.73 -22.92 13.05
CA ILE C 43 -11.96 -22.14 12.08
C ILE C 43 -12.78 -21.89 10.80
N GLU C 44 -13.64 -22.84 10.41
CA GLU C 44 -14.51 -22.70 9.24
C GLU C 44 -15.54 -21.59 9.48
N LEU C 45 -16.03 -21.44 10.71
CA LEU C 45 -16.96 -20.38 11.08
C LEU C 45 -16.26 -19.03 11.17
N ILE C 46 -15.01 -18.98 11.65
CA ILE C 46 -14.26 -17.71 11.75
C ILE C 46 -13.94 -17.19 10.36
N ASN C 47 -13.52 -18.10 9.48
CA ASN C 47 -13.21 -17.81 8.09
C ASN C 47 -14.50 -17.31 7.40
N ASN C 48 -15.63 -17.97 7.62
CA ASN C 48 -16.91 -17.52 7.07
C ASN C 48 -17.30 -16.12 7.61
N TRP C 49 -17.09 -15.86 8.88
CA TRP C 49 -17.41 -14.58 9.49
C TRP C 49 -16.58 -13.45 8.85
N TYR C 50 -15.27 -13.66 8.69
CA TYR C 50 -14.39 -12.65 8.10
C TYR C 50 -14.65 -12.43 6.61
N PHE C 51 -15.19 -13.43 5.89
CA PHE C 51 -15.58 -13.28 4.48
C PHE C 51 -16.91 -12.52 4.33
N SER C 52 -17.60 -12.15 5.42
CA SER C 52 -18.85 -11.43 5.35
C SER C 52 -18.79 -10.00 5.91
N LEU C 53 -17.66 -9.60 6.56
CA LEU C 53 -17.53 -8.26 7.13
C LEU C 53 -17.06 -7.20 6.13
N GLU C 54 -17.97 -6.34 5.66
CA GLU C 54 -17.64 -5.25 4.73
C GLU C 54 -16.67 -4.24 5.34
N ILE C 55 -16.77 -4.02 6.67
CA ILE C 55 -15.94 -3.09 7.44
C ILE C 55 -14.43 -3.32 7.18
N ILE C 56 -14.03 -4.57 6.89
CA ILE C 56 -12.64 -4.90 6.62
C ILE C 56 -12.11 -4.21 5.37
N ASP C 57 -12.92 -4.14 4.31
CA ASP C 57 -12.51 -3.50 3.07
C ASP C 57 -12.47 -1.95 3.13
N ASP C 58 -13.09 -1.36 4.16
CA ASP C 58 -13.10 0.09 4.35
C ASP C 58 -11.97 0.62 5.23
N LEU C 59 -11.25 -0.27 5.93
CA LEU C 59 -10.12 0.10 6.77
C LEU C 59 -8.96 0.54 5.90
N PRO C 60 -8.22 1.59 6.29
CA PRO C 60 -7.09 2.07 5.45
C PRO C 60 -5.81 1.24 5.54
N LEU C 61 -5.92 -0.09 5.47
CA LEU C 61 -4.80 -1.03 5.49
C LEU C 61 -5.18 -2.35 4.85
N ASP C 62 -4.18 -3.09 4.38
CA ASP C 62 -4.40 -4.38 3.73
C ASP C 62 -4.59 -5.52 4.69
N SER C 63 -5.32 -6.55 4.27
CA SER C 63 -5.56 -7.72 5.11
C SER C 63 -5.81 -8.98 4.30
N ARG C 64 -5.63 -10.12 4.94
CA ARG C 64 -5.86 -11.41 4.36
C ARG C 64 -6.54 -12.29 5.44
N ILE C 65 -7.52 -13.10 5.01
CA ILE C 65 -8.19 -14.07 5.84
C ILE C 65 -7.57 -15.41 5.44
N LYS C 66 -6.91 -16.11 6.38
CA LYS C 66 -6.27 -17.39 6.07
C LYS C 66 -7.28 -18.53 5.93
N SER C 67 -6.99 -19.55 5.10
CA SER C 67 -7.91 -20.65 4.84
C SER C 67 -7.98 -21.72 5.95
N VAL C 68 -9.04 -22.54 5.91
CA VAL C 68 -9.23 -23.69 6.79
C VAL C 68 -8.14 -24.74 6.49
N SER C 69 -7.70 -24.85 5.20
CA SER C 69 -6.62 -25.75 4.75
C SER C 69 -5.29 -25.44 5.49
N SER C 70 -4.96 -24.15 5.60
CA SER C 70 -3.74 -23.72 6.27
C SER C 70 -3.82 -23.97 7.77
N ALA C 71 -5.02 -23.85 8.36
CA ALA C 71 -5.23 -24.10 9.80
C ALA C 71 -5.11 -25.60 10.09
N LYS C 72 -5.58 -26.45 9.17
CA LYS C 72 -5.48 -27.90 9.28
C LYS C 72 -4.01 -28.31 9.22
N MET C 73 -3.20 -27.68 8.35
CA MET C 73 -1.78 -27.98 8.24
C MET C 73 -1.00 -27.50 9.45
N LYS C 74 -1.37 -26.36 10.01
CA LYS C 74 -0.72 -25.79 11.19
C LYS C 74 -1.03 -26.65 12.42
N PHE C 75 -2.22 -27.27 12.49
CA PHE C 75 -2.58 -28.10 13.63
C PHE C 75 -1.76 -29.38 13.57
N GLU C 76 -1.69 -30.02 12.40
CA GLU C 76 -0.93 -31.24 12.19
C GLU C 76 0.56 -31.05 12.46
N ARG C 77 1.08 -29.89 12.10
CA ARG C 77 2.48 -29.58 12.27
C ARG C 77 2.88 -29.27 13.71
N TYR C 78 2.07 -28.47 14.43
CA TYR C 78 2.43 -28.07 15.79
C TYR C 78 1.80 -28.93 16.90
N TYR C 79 0.96 -29.90 16.54
CA TYR C 79 0.38 -30.82 17.50
C TYR C 79 1.51 -31.75 18.00
N PRO C 80 1.57 -32.01 19.32
CA PRO C 80 0.62 -31.61 20.36
C PRO C 80 1.13 -30.57 21.36
N ASN C 81 2.40 -30.15 21.27
CA ASN C 81 3.00 -29.34 22.32
C ASN C 81 2.99 -27.82 22.15
N ALA C 82 2.56 -27.31 20.99
CA ALA C 82 2.51 -25.86 20.79
C ALA C 82 1.27 -25.27 21.47
N THR C 83 1.37 -24.04 21.96
CA THR C 83 0.27 -23.32 22.59
C THR C 83 -0.74 -22.86 21.52
N TYR C 84 -2.05 -23.05 21.76
CA TYR C 84 -3.10 -22.69 20.83
C TYR C 84 -3.03 -21.23 20.32
N ASN C 85 -2.84 -20.24 21.24
CA ASN C 85 -2.78 -18.80 20.88
C ASN C 85 -1.54 -18.41 20.04
N ARG C 86 -0.53 -19.28 20.01
CA ARG C 86 0.67 -19.08 19.22
C ARG C 86 0.51 -19.70 17.83
N VAL C 87 -0.38 -20.71 17.67
CA VAL C 87 -0.63 -21.40 16.41
C VAL C 87 -1.68 -20.66 15.59
N PHE C 88 -2.88 -20.44 16.16
CA PHE C 88 -3.96 -19.80 15.45
C PHE C 88 -4.02 -18.33 15.78
N ASN C 89 -2.97 -17.58 15.46
CA ASN C 89 -2.87 -16.15 15.79
C ASN C 89 -2.98 -15.19 14.61
N ASP C 90 -3.21 -15.71 13.40
CA ASP C 90 -3.23 -14.91 12.20
C ASP C 90 -4.40 -15.21 11.23
N ILE C 91 -5.58 -15.62 11.72
CA ILE C 91 -6.73 -15.87 10.84
C ILE C 91 -7.14 -14.57 10.16
N LEU C 92 -7.20 -13.48 10.94
CA LEU C 92 -7.32 -12.13 10.41
C LEU C 92 -5.92 -11.57 10.58
N GLY C 93 -5.31 -11.22 9.47
CA GLY C 93 -3.96 -10.67 9.49
C GLY C 93 -3.83 -9.44 8.62
N PHE C 94 -3.49 -8.31 9.23
CA PHE C 94 -3.28 -7.07 8.51
C PHE C 94 -1.82 -6.96 8.09
N ARG C 95 -1.54 -6.13 7.08
CA ARG C 95 -0.20 -5.96 6.58
C ARG C 95 0.01 -4.47 6.26
N VAL C 96 1.03 -3.85 6.87
CA VAL C 96 1.23 -2.42 6.65
C VAL C 96 2.72 -2.09 6.43
N ILE C 97 2.95 -0.99 5.73
CA ILE C 97 4.28 -0.44 5.61
C ILE C 97 4.35 0.62 6.75
N CYS C 98 5.35 0.55 7.62
CA CYS C 98 5.53 1.59 8.64
C CYS C 98 6.69 2.54 8.16
N LYS C 99 6.69 3.81 8.62
CA LYS C 99 7.73 4.75 8.24
C LYS C 99 9.09 4.33 8.81
N SER C 100 9.08 3.93 10.08
CA SER C 100 10.23 3.47 10.84
C SER C 100 9.71 2.48 11.91
N TYR C 101 10.54 1.56 12.38
CA TYR C 101 10.09 0.57 13.36
C TYR C 101 9.78 1.14 14.73
N ASP C 102 10.37 2.29 15.09
CA ASP C 102 10.13 2.97 16.37
C ASP C 102 8.62 3.15 16.68
N GLU C 103 7.83 3.60 15.71
CA GLU C 103 6.39 3.81 15.91
C GLU C 103 5.61 2.50 16.17
N VAL C 104 6.16 1.37 15.74
CA VAL C 104 5.57 0.04 15.94
C VAL C 104 5.92 -0.44 17.33
N LEU C 105 7.15 -0.20 17.81
CA LEU C 105 7.56 -0.62 19.15
C LEU C 105 6.77 0.06 20.26
N GLU C 106 6.18 1.24 19.98
CA GLU C 106 5.31 1.90 20.94
C GLU C 106 4.10 1.02 21.31
N LEU C 107 3.68 0.10 20.41
CA LEU C 107 2.55 -0.81 20.65
C LEU C 107 2.75 -1.78 21.82
N GLU C 108 4.00 -2.05 22.20
CA GLU C 108 4.31 -2.97 23.30
C GLU C 108 3.63 -2.56 24.61
N LYS C 109 3.47 -1.22 24.82
CA LYS C 109 2.82 -0.60 25.98
C LYS C 109 1.36 -1.00 26.12
N GLU C 110 0.69 -1.38 25.00
CA GLU C 110 -0.68 -1.83 25.07
C GLU C 110 -0.71 -3.18 25.74
N ASP C 111 -1.54 -3.28 26.80
CA ASP C 111 -1.68 -4.47 27.62
C ASP C 111 -2.08 -5.71 26.83
N LYS C 112 -2.98 -5.54 25.84
CA LYS C 112 -3.43 -6.70 25.06
C LYS C 112 -2.70 -6.91 23.72
N ILE C 113 -1.55 -6.24 23.54
CA ILE C 113 -0.73 -6.39 22.35
C ILE C 113 0.64 -7.00 22.70
N ARG C 114 1.05 -8.06 21.95
CA ARG C 114 2.33 -8.75 22.06
C ARG C 114 3.14 -8.40 20.80
N VAL C 115 4.41 -8.00 20.95
CA VAL C 115 5.24 -7.62 19.82
C VAL C 115 6.36 -8.62 19.57
N VAL C 116 6.47 -9.17 18.36
CA VAL C 116 7.58 -10.03 18.00
C VAL C 116 8.46 -9.22 17.01
N ASP C 117 9.51 -8.62 17.54
CA ASP C 117 10.43 -7.78 16.83
C ASP C 117 11.49 -8.59 16.09
N MET C 118 11.38 -8.61 14.78
CA MET C 118 12.36 -9.28 13.95
C MET C 118 13.06 -8.25 13.04
N SER C 119 13.15 -6.98 13.46
CA SER C 119 13.75 -5.94 12.65
C SER C 119 15.27 -5.97 12.65
N ARG C 120 15.90 -6.74 13.54
CA ARG C 120 17.35 -6.82 13.57
C ARG C 120 17.92 -8.19 13.30
N GLY C 121 17.12 -9.24 13.23
CA GLY C 121 17.68 -10.57 13.02
C GLY C 121 18.51 -11.06 14.20
N LYS C 122 18.11 -10.66 15.41
CA LYS C 122 18.75 -11.07 16.64
C LYS C 122 18.55 -12.59 16.85
N SER C 123 17.38 -13.13 16.46
CA SER C 123 17.06 -14.55 16.64
C SER C 123 16.67 -15.26 15.34
N ASN C 124 17.26 -16.48 15.16
CA ASN C 124 17.03 -17.42 14.05
C ASN C 124 16.96 -16.76 12.67
N ASP C 125 18.00 -15.96 12.35
CA ASP C 125 18.14 -15.15 11.14
C ASP C 125 18.08 -15.93 9.82
N ASP C 126 17.04 -15.62 9.02
CA ASP C 126 16.83 -16.17 7.69
C ASP C 126 16.76 -15.08 6.60
N GLY C 127 17.16 -13.84 6.91
CA GLY C 127 17.14 -12.75 5.94
C GLY C 127 15.92 -11.85 6.03
N PHE C 128 14.79 -12.40 6.50
CA PHE C 128 13.53 -11.67 6.64
C PHE C 128 13.61 -10.65 7.78
N ARG C 129 13.08 -9.45 7.55
CA ARG C 129 13.09 -8.36 8.54
C ARG C 129 11.69 -7.75 8.66
N GLY C 130 11.25 -7.50 9.88
CA GLY C 130 9.94 -6.91 10.13
C GLY C 130 9.48 -7.04 11.58
N ILE C 131 8.29 -6.55 11.91
CA ILE C 131 7.75 -6.66 13.26
C ILE C 131 6.35 -7.18 13.15
N HIS C 132 6.00 -8.21 13.94
CA HIS C 132 4.63 -8.76 13.95
C HIS C 132 4.03 -8.46 15.29
N VAL C 133 2.79 -8.00 15.28
CA VAL C 133 2.11 -7.56 16.47
C VAL C 133 0.82 -8.36 16.61
N TYR C 134 0.49 -8.82 17.83
CA TYR C 134 -0.70 -9.63 18.06
C TYR C 134 -1.59 -8.98 19.08
N TYR C 135 -2.84 -8.70 18.69
CA TYR C 135 -3.83 -8.20 19.60
C TYR C 135 -4.64 -9.42 20.02
N GLN C 136 -4.92 -9.59 21.31
CA GLN C 136 -5.82 -10.67 21.75
C GLN C 136 -6.72 -10.13 22.85
N ARG C 137 -8.04 -10.15 22.62
CA ARG C 137 -9.01 -9.62 23.58
C ARG C 137 -8.95 -10.29 24.96
N ASP C 138 -8.93 -11.62 24.97
CA ASP C 138 -8.80 -12.46 26.15
C ASP C 138 -8.37 -13.87 25.74
N ASN C 139 -8.24 -14.76 26.71
CA ASN C 139 -7.78 -16.12 26.49
C ASN C 139 -8.72 -17.02 25.73
N HIS C 140 -9.94 -16.59 25.35
CA HIS C 140 -10.81 -17.43 24.52
C HIS C 140 -11.27 -16.68 23.22
N HIS C 141 -10.60 -15.56 22.87
CA HIS C 141 -10.80 -14.87 21.60
C HIS C 141 -9.56 -15.15 20.75
N TYR C 142 -9.75 -15.25 19.45
CA TYR C 142 -8.65 -15.51 18.53
C TYR C 142 -7.83 -14.24 18.38
N PRO C 143 -6.50 -14.37 18.40
CA PRO C 143 -5.66 -13.19 18.21
C PRO C 143 -5.76 -12.62 16.78
N ILE C 144 -5.43 -11.33 16.63
CA ILE C 144 -5.42 -10.64 15.35
C ILE C 144 -3.98 -10.19 15.13
N GLU C 145 -3.42 -10.50 13.96
CA GLU C 145 -2.05 -10.16 13.65
C GLU C 145 -1.97 -8.88 12.80
N ILE C 146 -0.92 -8.09 13.01
CA ILE C 146 -0.60 -6.95 12.15
C ILE C 146 0.87 -7.14 11.82
N GLN C 147 1.19 -7.23 10.53
CA GLN C 147 2.58 -7.37 10.10
C GLN C 147 3.09 -6.02 9.58
N PHE C 148 4.20 -5.50 10.13
CA PHE C 148 4.78 -4.22 9.70
C PHE C 148 6.17 -4.40 9.14
N ASN C 149 6.44 -3.79 8.00
CA ASN C 149 7.75 -3.77 7.36
C ASN C 149 8.02 -2.39 6.79
N THR C 150 9.28 -1.96 6.75
CA THR C 150 9.64 -0.72 6.05
C THR C 150 9.67 -1.10 4.55
N TYR C 151 9.67 -0.10 3.63
CA TYR C 151 9.73 -0.40 2.19
C TYR C 151 11.00 -1.19 1.86
N TYR C 152 12.12 -0.79 2.48
CA TYR C 152 13.44 -1.38 2.35
C TYR C 152 13.45 -2.86 2.73
N ASP C 153 12.84 -3.24 3.88
CA ASP C 153 12.82 -4.64 4.28
C ASP C 153 11.83 -5.43 3.44
N ARG C 154 10.67 -4.85 3.15
CA ARG C 154 9.66 -5.46 2.32
C ARG C 154 10.18 -5.88 0.95
N GLN C 155 11.08 -5.11 0.35
CA GLN C 155 11.66 -5.44 -0.95
C GLN C 155 12.44 -6.75 -0.91
N LEU C 156 13.38 -6.88 0.05
CA LEU C 156 14.15 -8.10 0.21
C LEU C 156 13.27 -9.28 0.64
N ASN C 157 12.28 -9.05 1.51
CA ASN C 157 11.39 -10.14 1.94
C ASN C 157 10.64 -10.76 0.71
N ASP C 158 10.23 -9.91 -0.22
CA ASP C 158 9.56 -10.33 -1.46
C ASP C 158 10.50 -11.11 -2.41
N TRP C 159 11.78 -10.66 -2.57
CA TRP C 159 12.72 -11.40 -3.40
C TRP C 159 13.11 -12.73 -2.76
N LEU C 160 13.19 -12.75 -1.43
CA LEU C 160 13.54 -13.94 -0.66
C LEU C 160 12.42 -14.94 -0.69
N HIS C 161 11.16 -14.51 -0.75
CA HIS C 161 10.04 -15.43 -0.85
C HIS C 161 10.12 -16.19 -2.18
N ASP C 162 10.44 -15.48 -3.27
CA ASP C 162 10.57 -16.13 -4.57
C ASP C 162 11.78 -17.04 -4.66
N LYS C 163 12.92 -16.66 -4.04
CA LYS C 163 14.10 -17.52 -4.07
C LYS C 163 13.87 -18.79 -3.21
N PHE C 164 13.10 -18.67 -2.12
CA PHE C 164 12.79 -19.80 -1.26
C PHE C 164 11.73 -20.70 -1.84
N TYR C 165 10.94 -20.26 -2.83
CA TYR C 165 9.95 -21.10 -3.49
C TYR C 165 10.74 -21.89 -4.57
N LYS C 166 11.48 -21.17 -5.42
CA LYS C 166 12.28 -21.75 -6.48
C LYS C 166 13.35 -22.77 -5.95
N ARG C 167 14.32 -22.29 -5.13
CA ARG C 167 15.42 -23.10 -4.59
C ARG C 167 15.12 -23.90 -3.31
N GLY C 168 14.04 -23.59 -2.60
CA GLY C 168 13.74 -24.23 -1.33
C GLY C 168 14.28 -23.42 -0.16
N TYR C 169 13.62 -23.51 1.01
CA TYR C 169 14.02 -22.76 2.22
C TYR C 169 15.43 -23.08 2.75
N ASP C 170 16.24 -22.03 2.96
CA ASP C 170 17.61 -22.18 3.44
C ASP C 170 17.94 -21.00 4.37
N SER C 171 17.91 -21.24 5.68
CA SER C 171 18.16 -20.24 6.71
C SER C 171 19.50 -19.47 6.59
N SER C 172 20.64 -20.18 6.46
CA SER C 172 21.97 -19.56 6.35
C SER C 172 22.12 -18.74 5.07
N CYS C 173 21.52 -19.24 3.97
CA CYS C 173 21.56 -18.63 2.65
C CYS C 173 20.76 -17.32 2.61
N GLY C 174 19.66 -17.28 3.34
CA GLY C 174 18.86 -16.06 3.43
C GLY C 174 19.53 -15.01 4.30
N GLN C 175 20.19 -15.45 5.37
CA GLN C 175 20.89 -14.56 6.31
C GLN C 175 22.03 -13.82 5.61
N LEU C 176 22.74 -14.54 4.76
CA LEU C 176 23.86 -14.10 3.95
C LEU C 176 23.40 -13.17 2.84
N LEU C 177 22.24 -13.44 2.24
CA LEU C 177 21.68 -12.59 1.19
C LEU C 177 21.30 -11.21 1.75
N ARG C 178 20.83 -11.16 3.03
CA ARG C 178 20.48 -9.92 3.71
C ARG C 178 21.74 -9.06 3.94
N LYS C 179 22.90 -9.69 4.21
CA LYS C 179 24.16 -8.96 4.33
C LYS C 179 24.54 -8.33 2.99
N TYR C 180 24.35 -9.05 1.87
CA TYR C 180 24.65 -8.51 0.54
C TYR C 180 23.70 -7.40 0.17
N TYR C 181 22.43 -7.54 0.54
CA TYR C 181 21.42 -6.51 0.27
C TYR C 181 21.78 -5.23 1.05
N GLU C 182 22.09 -5.34 2.35
CA GLU C 182 22.49 -4.21 3.17
C GLU C 182 23.78 -3.51 2.69
N ASN C 183 24.58 -4.22 1.90
CA ASN C 183 25.82 -3.73 1.31
C ASN C 183 25.66 -3.15 -0.10
N GLY C 184 24.43 -3.05 -0.61
CA GLY C 184 24.18 -2.53 -1.94
C GLY C 184 24.47 -3.49 -3.06
N LYS C 185 24.51 -4.80 -2.80
CA LYS C 185 24.83 -5.78 -3.83
C LYS C 185 23.60 -6.44 -4.48
N ILE C 186 22.38 -6.17 -3.98
CA ILE C 186 21.17 -6.78 -4.54
C ILE C 186 20.13 -5.69 -4.78
N LYS C 187 20.00 -5.26 -6.02
CA LYS C 187 19.05 -4.19 -6.36
C LYS C 187 17.94 -4.66 -7.32
N SER C 188 17.83 -5.98 -7.56
CA SER C 188 16.84 -6.64 -8.40
C SER C 188 16.83 -8.15 -8.09
N ALA C 189 15.82 -8.89 -8.59
CA ALA C 189 15.78 -10.34 -8.46
C ALA C 189 16.96 -10.99 -9.23
N GLU C 190 17.32 -10.43 -10.38
CA GLU C 190 18.43 -10.90 -11.22
C GLU C 190 19.78 -10.72 -10.50
N GLU C 191 19.94 -9.62 -9.74
CA GLU C 191 21.16 -9.40 -8.98
C GLU C 191 21.29 -10.40 -7.84
N LEU C 192 20.16 -10.79 -7.22
CA LEU C 192 20.16 -11.79 -6.16
C LEU C 192 20.61 -13.14 -6.72
N GLU C 193 20.22 -13.44 -7.96
CA GLU C 193 20.59 -14.65 -8.66
C GLU C 193 22.09 -14.65 -8.96
N GLU C 194 22.61 -13.49 -9.40
CA GLU C 194 24.03 -13.29 -9.69
C GLU C 194 24.87 -13.45 -8.43
N VAL C 195 24.45 -12.83 -7.31
CA VAL C 195 25.13 -12.88 -6.03
C VAL C 195 25.12 -14.31 -5.48
N LEU C 196 23.98 -15.02 -5.66
CA LEU C 196 23.82 -16.41 -5.25
C LEU C 196 24.79 -17.30 -6.05
N GLU C 197 24.90 -17.10 -7.38
CA GLU C 197 25.81 -17.89 -8.20
C GLU C 197 27.26 -17.69 -7.79
N ASP C 198 27.62 -16.50 -7.29
CA ASP C 198 28.97 -16.23 -6.82
C ASP C 198 29.20 -16.83 -5.43
N VAL C 199 28.18 -16.80 -4.56
CA VAL C 199 28.25 -17.38 -3.22
C VAL C 199 28.42 -18.90 -3.34
N LEU C 200 27.65 -19.54 -4.23
CA LEU C 200 27.71 -20.98 -4.44
C LEU C 200 29.01 -21.42 -5.10
N TYR C 201 29.60 -20.56 -5.95
CA TYR C 201 30.88 -20.89 -6.59
C TYR C 201 32.04 -20.79 -5.55
N HIS C 202 31.96 -19.80 -4.64
CA HIS C 202 33.00 -19.64 -3.62
C HIS C 202 32.79 -20.62 -2.43
N CYS C 203 32.50 -21.91 -2.71
CA CYS C 203 32.32 -23.01 -1.73
C CYS C 203 32.49 -24.39 -2.37
N MET D 1 -3.20 -4.48 -19.72
CA MET D 1 -4.18 -5.48 -19.30
C MET D 1 -3.86 -6.09 -17.93
N TYR D 2 -2.80 -6.90 -17.79
CA TYR D 2 -2.50 -7.54 -16.49
C TYR D 2 -2.30 -6.56 -15.34
N ILE D 3 -1.46 -5.51 -15.52
CA ILE D 3 -1.21 -4.57 -14.44
C ILE D 3 -2.48 -3.80 -14.08
N LEU D 4 -3.38 -3.56 -15.05
CA LEU D 4 -4.63 -2.89 -14.76
C LEU D 4 -5.56 -3.76 -13.96
N ASP D 5 -5.61 -5.06 -14.26
CA ASP D 5 -6.45 -6.00 -13.52
C ASP D 5 -5.94 -6.08 -12.05
N LYS D 6 -4.61 -6.10 -11.86
CA LYS D 6 -4.02 -6.15 -10.53
C LYS D 6 -4.41 -4.96 -9.65
N ILE D 7 -4.49 -3.77 -10.24
CA ILE D 7 -4.82 -2.56 -9.48
C ILE D 7 -6.30 -2.17 -9.55
N GLY D 8 -7.15 -3.01 -10.15
CA GLY D 8 -8.57 -2.78 -10.21
C GLY D 8 -9.01 -1.65 -11.11
N LEU D 9 -8.26 -1.40 -12.18
CA LEU D 9 -8.64 -0.38 -13.14
C LEU D 9 -8.88 -1.00 -14.51
N ASN D 10 -9.64 -0.30 -15.33
CA ASN D 10 -9.87 -0.65 -16.71
C ASN D 10 -10.13 0.66 -17.48
N ILE D 11 -10.23 0.59 -18.81
CA ILE D 11 -10.42 1.79 -19.62
C ILE D 11 -11.77 2.47 -19.33
N GLU D 12 -12.80 1.69 -19.04
CA GLU D 12 -14.12 2.24 -18.74
C GLU D 12 -14.12 3.06 -17.44
N ILE D 13 -13.44 2.57 -16.38
CA ILE D 13 -13.30 3.26 -15.10
C ILE D 13 -12.50 4.56 -15.30
N LEU D 14 -11.38 4.47 -16.01
CA LEU D 14 -10.55 5.65 -16.30
C LEU D 14 -11.33 6.68 -17.10
N GLU D 15 -12.20 6.25 -18.03
CA GLU D 15 -13.05 7.14 -18.82
C GLU D 15 -14.06 7.88 -17.91
N SER D 16 -14.66 7.16 -16.95
CA SER D 16 -15.63 7.77 -16.04
C SER D 16 -14.98 8.71 -15.00
N LEU D 17 -13.69 8.53 -14.71
CA LEU D 17 -12.97 9.42 -13.82
C LEU D 17 -12.32 10.61 -14.58
N SER D 18 -12.52 10.71 -15.92
CA SER D 18 -11.94 11.79 -16.71
C SER D 18 -12.82 13.03 -16.70
N TYR D 19 -12.24 14.19 -16.38
CA TYR D 19 -12.95 15.46 -16.33
C TYR D 19 -12.81 16.18 -17.68
N GLU D 20 -13.95 16.56 -18.28
CA GLU D 20 -13.97 17.28 -19.55
C GLU D 20 -13.82 18.78 -19.36
N SER D 21 -12.79 19.34 -19.96
CA SER D 21 -12.52 20.77 -19.91
C SER D 21 -13.54 21.59 -20.67
N LYS D 22 -13.85 22.78 -20.14
CA LYS D 22 -14.74 23.74 -20.78
C LYS D 22 -13.98 25.02 -21.19
N LEU D 23 -12.66 24.93 -21.40
CA LEU D 23 -11.86 26.07 -21.81
C LEU D 23 -11.86 26.27 -23.34
N GLY D 24 -12.28 25.26 -24.11
CA GLY D 24 -12.31 25.33 -25.56
C GLY D 24 -10.95 25.51 -26.19
N MET D 25 -9.95 24.89 -25.59
CA MET D 25 -8.57 24.98 -26.09
C MET D 25 -7.95 23.59 -25.94
N SER D 26 -7.31 23.11 -27.01
CA SER D 26 -6.71 21.78 -27.06
C SER D 26 -5.59 21.71 -26.04
N PHE D 27 -5.51 20.58 -25.32
CA PHE D 27 -4.46 20.38 -24.33
C PHE D 27 -3.10 20.02 -24.96
N LYS D 28 -3.03 19.91 -26.31
CA LYS D 28 -1.78 19.72 -27.04
C LYS D 28 -1.02 21.08 -27.12
N ARG D 29 -1.72 22.24 -26.88
CA ARG D 29 -1.17 23.58 -26.92
C ARG D 29 -0.31 23.91 -25.71
N THR D 30 0.59 24.92 -25.86
CA THR D 30 1.47 25.43 -24.81
C THR D 30 0.68 26.35 -23.85
N LEU D 31 1.22 26.63 -22.64
CA LEU D 31 0.50 27.46 -21.68
C LEU D 31 0.22 28.89 -22.14
N SER D 32 0.99 29.41 -23.12
CA SER D 32 0.78 30.77 -23.65
C SER D 32 -0.59 30.96 -24.32
N HIS D 33 -1.21 29.85 -24.78
CA HIS D 33 -2.54 29.79 -25.38
C HIS D 33 -3.68 29.73 -24.33
N PHE D 34 -3.36 29.92 -23.02
CA PHE D 34 -4.35 29.81 -21.94
C PHE D 34 -4.33 31.01 -21.00
N ASN D 35 -5.46 31.32 -20.37
CA ASN D 35 -5.51 32.42 -19.39
C ASN D 35 -5.46 31.85 -17.99
N LYS D 36 -4.43 32.19 -17.24
CA LYS D 36 -4.17 31.69 -15.90
C LYS D 36 -5.38 31.66 -14.96
N GLU D 37 -6.15 32.75 -14.92
CA GLU D 37 -7.31 32.87 -14.05
C GLU D 37 -8.47 31.95 -14.48
N GLU D 38 -8.58 31.66 -15.76
CA GLU D 38 -9.59 30.73 -16.29
C GLU D 38 -9.16 29.29 -15.99
N VAL D 39 -7.85 29.00 -16.12
CA VAL D 39 -7.30 27.67 -15.85
C VAL D 39 -7.50 27.32 -14.39
N LEU D 40 -7.09 28.21 -13.49
CA LEU D 40 -7.20 28.03 -12.03
C LEU D 40 -8.64 27.89 -11.54
N LYS D 41 -9.58 28.56 -12.20
CA LYS D 41 -10.99 28.46 -11.86
C LYS D 41 -11.50 27.05 -12.21
N GLU D 42 -11.05 26.49 -13.35
CA GLU D 42 -11.39 25.14 -13.79
C GLU D 42 -10.77 24.08 -12.86
N ILE D 43 -9.47 24.23 -12.50
CA ILE D 43 -8.78 23.32 -11.59
C ILE D 43 -9.51 23.26 -10.23
N GLU D 44 -10.11 24.38 -9.79
CA GLU D 44 -10.87 24.43 -8.55
C GLU D 44 -12.12 23.52 -8.66
N LEU D 45 -12.75 23.49 -9.83
CA LEU D 45 -13.92 22.62 -10.07
C LEU D 45 -13.52 21.16 -10.18
N ILE D 46 -12.35 20.85 -10.78
CA ILE D 46 -11.88 19.46 -10.92
C ILE D 46 -11.53 18.90 -9.55
N ASN D 47 -10.85 19.72 -8.74
CA ASN D 47 -10.46 19.39 -7.38
C ASN D 47 -11.74 19.15 -6.55
N ASN D 48 -12.75 20.01 -6.69
CA ASN D 48 -14.02 19.82 -6.00
C ASN D 48 -14.72 18.53 -6.45
N TRP D 49 -14.69 18.22 -7.74
CA TRP D 49 -15.32 17.01 -8.27
C TRP D 49 -14.66 15.75 -7.68
N TYR D 50 -13.32 15.71 -7.65
CA TYR D 50 -12.60 14.56 -7.13
C TYR D 50 -12.74 14.39 -5.60
N PHE D 51 -13.01 15.50 -4.87
CA PHE D 51 -13.26 15.42 -3.43
C PHE D 51 -14.68 14.91 -3.12
N SER D 52 -15.54 14.69 -4.13
CA SER D 52 -16.90 14.22 -3.92
C SER D 52 -17.17 12.80 -4.43
N LEU D 53 -16.20 12.18 -5.18
CA LEU D 53 -16.38 10.82 -5.70
C LEU D 53 -16.01 9.70 -4.74
N GLU D 54 -17.00 9.03 -4.11
CA GLU D 54 -16.74 7.91 -3.19
C GLU D 54 -16.08 6.72 -3.87
N ILE D 55 -16.38 6.51 -5.16
CA ILE D 55 -15.83 5.43 -5.99
C ILE D 55 -14.28 5.36 -5.91
N ILE D 56 -13.63 6.52 -5.70
CA ILE D 56 -12.16 6.60 -5.58
C ILE D 56 -11.65 5.82 -4.36
N ASP D 57 -12.34 5.92 -3.23
CA ASP D 57 -11.93 5.20 -2.01
C ASP D 57 -12.18 3.68 -2.05
N ASP D 58 -13.00 3.21 -3.00
CA ASP D 58 -13.29 1.79 -3.14
C ASP D 58 -12.36 1.06 -4.12
N LEU D 59 -11.58 1.78 -4.90
CA LEU D 59 -10.64 1.19 -5.85
C LEU D 59 -9.48 0.51 -5.10
N PRO D 60 -8.98 -0.65 -5.58
CA PRO D 60 -7.90 -1.33 -4.86
C PRO D 60 -6.48 -0.77 -5.05
N LEU D 61 -6.36 0.58 -5.03
CA LEU D 61 -5.09 1.28 -5.14
C LEU D 61 -5.18 2.66 -4.48
N ASP D 62 -4.02 3.22 -4.09
CA ASP D 62 -3.96 4.52 -3.45
C ASP D 62 -4.02 5.68 -4.41
N SER D 63 -4.49 6.83 -3.95
CA SER D 63 -4.61 8.01 -4.79
C SER D 63 -4.58 9.30 -4.00
N ARG D 64 -4.23 10.36 -4.69
CA ARG D 64 -4.16 11.69 -4.13
C ARG D 64 -4.75 12.68 -5.14
N ILE D 65 -5.52 13.65 -4.64
CA ILE D 65 -6.05 14.74 -5.44
C ILE D 65 -5.15 15.93 -5.13
N LYS D 66 -4.45 16.46 -6.14
CA LYS D 66 -3.55 17.59 -5.92
C LYS D 66 -4.31 18.93 -5.74
N SER D 67 -3.72 19.86 -4.97
CA SER D 67 -4.37 21.13 -4.67
C SER D 67 -4.35 22.17 -5.80
N VAL D 68 -5.22 23.19 -5.68
CA VAL D 68 -5.27 24.34 -6.58
C VAL D 68 -3.96 25.16 -6.41
N SER D 69 -3.37 25.18 -5.17
CA SER D 69 -2.11 25.85 -4.86
C SER D 69 -0.96 25.29 -5.72
N SER D 70 -0.87 23.96 -5.82
CA SER D 70 0.15 23.29 -6.58
C SER D 70 -0.02 23.54 -8.07
N ALA D 71 -1.27 23.65 -8.56
CA ALA D 71 -1.57 23.92 -9.97
C ALA D 71 -1.18 25.37 -10.32
N LYS D 72 -1.39 26.31 -9.39
CA LYS D 72 -1.03 27.70 -9.56
C LYS D 72 0.50 27.83 -9.66
N MET D 73 1.24 27.07 -8.84
CA MET D 73 2.71 27.09 -8.88
C MET D 73 3.26 26.46 -10.15
N LYS D 74 2.63 25.39 -10.63
CA LYS D 74 3.02 24.71 -11.85
C LYS D 74 2.76 25.59 -13.07
N PHE D 75 1.71 26.42 -13.05
CA PHE D 75 1.41 27.28 -14.18
C PHE D 75 2.46 28.38 -14.27
N GLU D 76 2.76 29.01 -13.13
CA GLU D 76 3.75 30.07 -13.05
C GLU D 76 5.15 29.58 -13.46
N ARG D 77 5.48 28.35 -13.10
CA ARG D 77 6.77 27.77 -13.38
C ARG D 77 6.95 27.36 -14.85
N TYR D 78 5.93 26.71 -15.45
CA TYR D 78 6.07 26.22 -16.82
C TYR D 78 5.52 27.15 -17.91
N TYR D 79 4.89 28.26 -17.53
CA TYR D 79 4.42 29.26 -18.48
C TYR D 79 5.65 29.94 -19.13
N PRO D 80 5.66 30.12 -20.46
CA PRO D 80 4.56 29.87 -21.40
C PRO D 80 4.78 28.73 -22.38
N ASN D 81 5.94 28.08 -22.37
CA ASN D 81 6.29 27.14 -23.42
C ASN D 81 5.99 25.66 -23.17
N ALA D 82 5.58 25.28 -21.97
CA ALA D 82 5.26 23.88 -21.70
C ALA D 82 3.88 23.53 -22.24
N THR D 83 3.71 22.28 -22.69
CA THR D 83 2.43 21.78 -23.19
C THR D 83 1.45 21.57 -22.03
N TYR D 84 0.19 22.01 -22.15
CA TYR D 84 -0.83 21.90 -21.10
C TYR D 84 -0.99 20.47 -20.55
N ASN D 85 -1.08 19.44 -21.44
CA ASN D 85 -1.26 18.04 -21.03
C ASN D 85 -0.06 17.44 -20.31
N ARG D 86 1.10 18.10 -20.38
CA ARG D 86 2.32 17.69 -19.68
C ARG D 86 2.41 18.36 -18.30
N VAL D 87 1.74 19.51 -18.12
CA VAL D 87 1.75 20.27 -16.87
C VAL D 87 0.65 19.79 -15.93
N PHE D 88 -0.61 19.79 -16.40
CA PHE D 88 -1.75 19.41 -15.57
C PHE D 88 -2.14 17.99 -15.85
N ASN D 89 -1.23 17.05 -15.59
CA ASN D 89 -1.48 15.64 -15.88
C ASN D 89 -1.65 14.75 -14.67
N ASP D 90 -1.67 15.34 -13.47
CA ASP D 90 -1.72 14.58 -12.23
C ASP D 90 -2.69 15.10 -11.17
N ILE D 91 -3.81 15.73 -11.56
CA ILE D 91 -4.80 16.20 -10.58
C ILE D 91 -5.39 15.00 -9.86
N LEU D 92 -5.72 13.93 -10.59
CA LEU D 92 -6.05 12.65 -10.00
C LEU D 92 -4.80 11.82 -10.29
N GLY D 93 -4.17 11.37 -9.24
CA GLY D 93 -2.95 10.58 -9.37
C GLY D 93 -2.95 9.36 -8.48
N PHE D 94 -2.89 8.18 -9.09
CA PHE D 94 -2.83 6.93 -8.36
C PHE D 94 -1.39 6.56 -8.06
N ARG D 95 -1.15 5.73 -7.06
CA ARG D 95 0.19 5.34 -6.67
C ARG D 95 0.16 3.84 -6.35
N VAL D 96 1.01 3.04 -7.01
CA VAL D 96 1.02 1.60 -6.80
C VAL D 96 2.48 1.14 -6.60
N ILE D 97 2.75 0.54 -5.43
CA ILE D 97 4.09 0.08 -5.03
C ILE D 97 4.20 -1.40 -5.34
N CYS D 98 5.34 -1.85 -5.90
CA CYS D 98 5.47 -3.25 -6.29
C CYS D 98 6.90 -3.83 -6.13
N LYS D 99 7.08 -5.10 -6.48
CA LYS D 99 8.33 -5.82 -6.38
C LYS D 99 9.19 -5.55 -7.65
N SER D 100 8.55 -5.41 -8.86
CA SER D 100 9.29 -5.13 -10.10
C SER D 100 8.58 -4.14 -11.08
N TYR D 101 9.22 -3.75 -12.23
CA TYR D 101 8.68 -2.84 -13.26
C TYR D 101 8.39 -3.54 -14.59
N ASP D 102 8.64 -4.85 -14.69
CA ASP D 102 8.47 -5.56 -15.99
C ASP D 102 7.02 -5.55 -16.47
N GLU D 103 6.07 -5.60 -15.54
CA GLU D 103 4.65 -5.57 -15.85
C GLU D 103 4.12 -4.22 -16.35
N VAL D 104 4.68 -3.10 -15.85
CA VAL D 104 4.29 -1.70 -16.13
C VAL D 104 4.44 -1.25 -17.61
N LEU D 105 5.59 -1.51 -18.27
CA LEU D 105 5.81 -1.03 -19.65
C LEU D 105 4.83 -1.53 -20.65
N GLU D 106 4.22 -2.72 -20.43
CA GLU D 106 3.23 -3.32 -21.32
C GLU D 106 2.06 -2.37 -21.60
N LEU D 107 1.78 -1.41 -20.69
CA LEU D 107 0.74 -0.40 -20.86
C LEU D 107 0.92 0.53 -22.06
N GLU D 108 2.16 0.65 -22.58
CA GLU D 108 2.47 1.50 -23.72
C GLU D 108 1.58 1.16 -24.95
N LYS D 109 1.21 -0.14 -25.09
CA LYS D 109 0.36 -0.68 -26.15
C LYS D 109 -1.05 -0.08 -26.15
N GLU D 110 -1.52 0.40 -24.99
CA GLU D 110 -2.81 1.05 -24.91
C GLU D 110 -2.71 2.39 -25.63
N ASP D 111 -3.63 2.61 -26.56
CA ASP D 111 -3.70 3.77 -27.42
C ASP D 111 -3.77 5.08 -26.65
N LYS D 112 -4.55 5.11 -25.54
CA LYS D 112 -4.70 6.36 -24.78
C LYS D 112 -3.78 6.45 -23.54
N ILE D 113 -2.76 5.58 -23.46
CA ILE D 113 -1.80 5.59 -22.36
C ILE D 113 -0.38 5.94 -22.85
N ARG D 114 0.30 6.84 -22.13
CA ARG D 114 1.68 7.28 -22.40
C ARG D 114 2.52 6.83 -21.18
N VAL D 115 3.70 6.26 -21.42
CA VAL D 115 4.57 5.79 -20.35
C VAL D 115 5.86 6.60 -20.25
N VAL D 116 6.14 7.19 -19.09
CA VAL D 116 7.39 7.92 -18.86
C VAL D 116 8.22 7.09 -17.90
N ASP D 117 9.17 6.34 -18.45
CA ASP D 117 10.05 5.46 -17.70
C ASP D 117 11.23 6.23 -17.09
N MET D 118 11.19 6.37 -15.77
CA MET D 118 12.26 7.01 -15.04
C MET D 118 12.91 6.01 -14.08
N SER D 119 12.90 4.71 -14.40
CA SER D 119 13.47 3.70 -13.54
C SER D 119 15.00 3.66 -13.57
N ARG D 120 15.63 4.28 -14.58
CA ARG D 120 17.08 4.44 -14.65
C ARG D 120 17.51 5.91 -14.50
N GLY D 121 16.54 6.77 -14.12
CA GLY D 121 16.63 8.19 -13.80
C GLY D 121 15.96 9.13 -14.78
N LYS D 122 15.67 10.37 -14.35
CA LYS D 122 15.21 11.42 -15.27
C LYS D 122 16.43 11.86 -16.10
N SER D 123 16.22 12.63 -17.21
CA SER D 123 17.31 13.14 -18.07
C SER D 123 18.34 13.90 -17.22
N ASN D 124 17.80 14.77 -16.31
CA ASN D 124 18.49 15.54 -15.28
C ASN D 124 18.31 14.67 -14.05
N ASP D 125 19.33 13.86 -13.66
CA ASP D 125 19.14 12.95 -12.52
C ASP D 125 19.07 13.68 -11.20
N ASP D 126 17.92 13.65 -10.56
CA ASP D 126 17.70 14.26 -9.26
C ASP D 126 17.55 13.23 -8.12
N GLY D 127 17.78 11.94 -8.41
CA GLY D 127 17.67 10.87 -7.43
C GLY D 127 16.40 10.04 -7.51
N PHE D 128 15.29 10.65 -7.96
CA PHE D 128 13.99 9.98 -8.09
C PHE D 128 14.00 8.79 -9.09
N ARG D 129 13.32 7.68 -8.73
CA ARG D 129 13.19 6.53 -9.61
C ARG D 129 11.76 6.03 -9.61
N GLY D 130 11.25 5.67 -10.79
CA GLY D 130 9.91 5.13 -10.95
C GLY D 130 9.39 5.17 -12.37
N ILE D 131 8.16 4.70 -12.62
CA ILE D 131 7.55 4.79 -13.94
C ILE D 131 6.21 5.47 -13.77
N HIS D 132 5.93 6.48 -14.58
CA HIS D 132 4.67 7.19 -14.50
C HIS D 132 3.91 6.93 -15.77
N VAL D 133 2.65 6.64 -15.64
CA VAL D 133 1.80 6.30 -16.75
C VAL D 133 0.64 7.31 -16.82
N TYR D 134 0.28 7.78 -18.01
CA TYR D 134 -0.78 8.77 -18.16
C TYR D 134 -1.86 8.28 -19.05
N TYR D 135 -3.09 8.25 -18.54
CA TYR D 135 -4.25 7.95 -19.36
C TYR D 135 -4.85 9.30 -19.73
N GLN D 136 -5.22 9.51 -20.99
CA GLN D 136 -5.94 10.74 -21.37
C GLN D 136 -7.03 10.38 -22.35
N ARG D 137 -8.30 10.66 -22.00
CA ARG D 137 -9.44 10.31 -22.84
C ARG D 137 -9.37 10.96 -24.25
N ASP D 138 -9.10 12.25 -24.31
CA ASP D 138 -8.91 13.03 -25.52
C ASP D 138 -8.19 14.34 -25.16
N ASN D 139 -7.84 15.20 -26.13
CA ASN D 139 -7.10 16.42 -25.78
C ASN D 139 -7.91 17.48 -25.01
N HIS D 140 -9.16 17.19 -24.72
CA HIS D 140 -10.07 18.07 -24.00
C HIS D 140 -10.40 17.55 -22.57
N HIS D 141 -9.80 16.43 -22.18
CA HIS D 141 -9.99 15.83 -20.88
C HIS D 141 -8.67 15.89 -20.17
N TYR D 142 -8.70 16.04 -18.85
CA TYR D 142 -7.48 16.07 -18.05
C TYR D 142 -6.91 14.69 -17.95
N PRO D 143 -5.59 14.55 -18.10
CA PRO D 143 -4.98 13.22 -17.95
C PRO D 143 -5.05 12.72 -16.51
N ILE D 144 -4.96 11.39 -16.36
CA ILE D 144 -4.97 10.73 -15.07
C ILE D 144 -3.62 10.03 -14.97
N GLU D 145 -2.91 10.26 -13.86
CA GLU D 145 -1.60 9.65 -13.67
C GLU D 145 -1.67 8.41 -12.80
N ILE D 146 -0.80 7.43 -13.07
CA ILE D 146 -0.57 6.28 -12.22
C ILE D 146 0.95 6.22 -12.00
N GLN D 147 1.39 6.29 -10.76
CA GLN D 147 2.80 6.24 -10.43
C GLN D 147 3.16 4.87 -9.91
N PHE D 148 4.09 4.21 -10.56
CA PHE D 148 4.59 2.90 -10.18
C PHE D 148 6.00 3.08 -9.61
N ASN D 149 6.28 2.41 -8.51
CA ASN D 149 7.58 2.43 -7.86
C ASN D 149 7.78 1.08 -7.28
N THR D 150 9.00 0.55 -7.34
CA THR D 150 9.29 -0.68 -6.61
C THR D 150 9.39 -0.25 -5.12
N TYR D 151 9.35 -1.21 -4.15
CA TYR D 151 9.49 -0.87 -2.73
C TYR D 151 10.84 -0.18 -2.49
N TYR D 152 11.89 -0.67 -3.16
CA TYR D 152 13.25 -0.17 -3.09
C TYR D 152 13.35 1.29 -3.52
N ASP D 153 12.70 1.67 -4.66
CA ASP D 153 12.77 3.06 -5.11
C ASP D 153 11.88 3.95 -4.27
N ARG D 154 10.66 3.48 -3.90
CA ARG D 154 9.72 4.27 -3.06
C ARG D 154 10.38 4.66 -1.73
N GLN D 155 11.24 3.80 -1.14
CA GLN D 155 11.90 4.13 0.13
C GLN D 155 12.79 5.39 -0.03
N LEU D 156 13.67 5.41 -1.04
CA LEU D 156 14.51 6.56 -1.29
C LEU D 156 13.71 7.75 -1.75
N ASN D 157 12.62 7.54 -2.55
CA ASN D 157 11.79 8.67 -3.00
C ASN D 157 11.23 9.42 -1.80
N ASP D 158 10.74 8.67 -0.82
CA ASP D 158 10.21 9.21 0.42
C ASP D 158 11.28 10.03 1.17
N TRP D 159 12.45 9.44 1.44
CA TRP D 159 13.50 10.16 2.16
C TRP D 159 13.97 11.41 1.45
N LEU D 160 13.97 11.39 0.13
CA LEU D 160 14.35 12.48 -0.74
C LEU D 160 13.31 13.61 -0.67
N HIS D 161 12.03 13.30 -0.45
CA HIS D 161 11.00 14.36 -0.34
C HIS D 161 11.20 15.06 1.02
N ASP D 162 11.34 14.24 2.07
CA ASP D 162 11.47 14.65 3.44
C ASP D 162 12.73 15.48 3.72
N LYS D 163 13.92 14.92 3.43
CA LYS D 163 15.18 15.58 3.77
C LYS D 163 15.90 16.31 2.63
N PHE D 164 15.45 16.22 1.37
CA PHE D 164 16.20 16.83 0.28
C PHE D 164 15.44 17.85 -0.58
N TYR D 165 14.27 17.44 -1.11
CA TYR D 165 13.52 18.27 -2.08
C TYR D 165 13.11 19.65 -1.59
N LYS D 166 12.95 20.59 -2.54
CA LYS D 166 12.46 21.95 -2.27
C LYS D 166 13.20 22.68 -1.14
N ARG D 167 14.52 22.49 -1.03
CA ARG D 167 15.32 23.17 0.00
C ARG D 167 16.48 24.02 -0.58
N GLY D 168 16.47 24.27 -1.88
CA GLY D 168 17.46 25.09 -2.57
C GLY D 168 18.69 24.39 -3.13
N TYR D 169 18.83 23.09 -2.88
CA TYR D 169 20.00 22.34 -3.37
C TYR D 169 19.89 22.02 -4.87
N ASP D 170 21.02 21.71 -5.51
CA ASP D 170 21.05 21.35 -6.92
C ASP D 170 20.59 19.90 -7.13
N SER D 171 20.08 19.60 -8.33
CA SER D 171 19.65 18.24 -8.69
C SER D 171 20.82 17.23 -8.70
N SER D 172 22.06 17.73 -8.85
CA SER D 172 23.34 17.03 -8.78
C SER D 172 23.40 16.26 -7.43
N CYS D 173 22.90 16.87 -6.36
CA CYS D 173 23.04 16.24 -5.02
C CYS D 173 22.10 15.03 -4.88
N GLY D 174 20.94 15.06 -5.53
CA GLY D 174 20.03 13.90 -5.48
C GLY D 174 20.63 12.68 -6.14
N GLN D 175 21.28 12.87 -7.28
CA GLN D 175 21.95 11.76 -8.00
C GLN D 175 23.02 11.15 -7.09
N LEU D 176 23.70 11.97 -6.31
CA LEU D 176 24.73 11.48 -5.42
C LEU D 176 24.09 10.68 -4.27
N LEU D 177 22.98 11.22 -3.70
CA LEU D 177 22.24 10.56 -2.64
C LEU D 177 21.74 9.15 -3.09
N ARG D 178 21.29 9.00 -4.35
CA ARG D 178 20.84 7.77 -4.99
C ARG D 178 22.03 6.80 -5.20
N LYS D 179 23.21 7.34 -5.50
CA LYS D 179 24.41 6.52 -5.63
C LYS D 179 24.80 5.95 -4.24
N TYR D 180 24.67 6.75 -3.15
CA TYR D 180 24.97 6.27 -1.80
C TYR D 180 23.98 5.23 -1.35
N TYR D 181 22.70 5.39 -1.72
CA TYR D 181 21.64 4.45 -1.38
C TYR D 181 21.88 3.13 -2.12
N GLU D 182 22.15 3.17 -3.43
CA GLU D 182 22.44 1.96 -4.22
C GLU D 182 23.69 1.21 -3.72
N ASN D 183 24.57 1.89 -3.01
CA ASN D 183 25.79 1.33 -2.43
C ASN D 183 25.67 0.85 -1.00
N GLY D 184 24.47 0.89 -0.42
CA GLY D 184 24.22 0.45 0.93
C GLY D 184 24.65 1.42 2.00
N LYS D 185 24.80 2.72 1.67
CA LYS D 185 25.27 3.71 2.64
C LYS D 185 24.17 4.53 3.30
N ILE D 186 22.91 4.37 2.86
CA ILE D 186 21.78 5.13 3.42
C ILE D 186 20.68 4.18 3.77
N LYS D 187 20.48 3.91 5.06
CA LYS D 187 19.47 2.95 5.54
C LYS D 187 18.43 3.58 6.49
N SER D 188 18.37 4.92 6.54
CA SER D 188 17.41 5.68 7.31
C SER D 188 17.40 7.12 6.78
N ALA D 189 16.29 7.84 7.01
CA ALA D 189 16.14 9.24 6.58
C ALA D 189 17.15 10.16 7.30
N GLU D 190 17.55 9.79 8.55
CA GLU D 190 18.55 10.50 9.33
C GLU D 190 19.95 10.30 8.71
N GLU D 191 20.21 9.08 8.15
CA GLU D 191 21.46 8.76 7.42
C GLU D 191 21.51 9.52 6.10
N LEU D 192 20.37 9.76 5.45
CA LEU D 192 20.27 10.53 4.21
C LEU D 192 20.69 11.97 4.54
N GLU D 193 20.12 12.54 5.62
CA GLU D 193 20.40 13.88 6.12
C GLU D 193 21.87 14.04 6.52
N GLU D 194 22.49 12.98 7.08
CA GLU D 194 23.91 12.99 7.45
C GLU D 194 24.82 13.12 6.23
N VAL D 195 24.59 12.30 5.16
CA VAL D 195 25.43 12.38 3.97
C VAL D 195 25.07 13.66 3.17
N LEU D 196 23.85 14.21 3.29
CA LEU D 196 23.53 15.49 2.66
C LEU D 196 24.33 16.59 3.37
N GLU D 197 24.39 16.59 4.71
CA GLU D 197 25.11 17.60 5.46
C GLU D 197 26.60 17.56 5.15
N ASP D 198 27.16 16.37 4.86
CA ASP D 198 28.57 16.24 4.51
C ASP D 198 28.82 16.65 3.05
N VAL D 199 27.88 16.34 2.16
CA VAL D 199 27.97 16.73 0.75
C VAL D 199 27.92 18.25 0.64
N LEU D 200 27.01 18.90 1.36
CA LEU D 200 26.87 20.35 1.35
C LEU D 200 28.04 21.06 2.00
N TYR D 201 28.65 20.45 3.02
CA TYR D 201 29.79 21.06 3.69
C TYR D 201 31.06 20.96 2.85
N HIS D 202 31.26 19.81 2.19
CA HIS D 202 32.46 19.60 1.40
C HIS D 202 32.32 20.05 -0.07
N CYS D 203 31.08 20.33 -0.57
CA CYS D 203 30.78 20.80 -1.93
C CYS D 203 31.58 22.09 -2.26
#